data_8VFQ
#
_entry.id   8VFQ
#
_cell.length_a   55.470
_cell.length_b   60.271
_cell.length_c   63.277
_cell.angle_alpha   90.000
_cell.angle_beta   90.000
_cell.angle_gamma   90.000
#
_symmetry.space_group_name_H-M   'P 21 21 21'
#
loop_
_entity.id
_entity.type
_entity.pdbx_description
1 polymer 'De novo designed apixaban-binding protein apx1049'
2 non-polymer 1-(4-METHOXYPHENYL)-7-OXO-6-[4-(2-OXOPIPERIDIN-1-YL)PHENYL]-4,5,6,7-TETRAHYDRO-1H-PYRAZOLO[3,4-C]PYRIDINE-3-CARBOXAMIDE
3 water water
#
_entity_poly.entity_id   1
_entity_poly.type   'polypeptide(L)'
_entity_poly.pdbx_seq_one_letter_code
;GSSARIAKAKKLIYKLEKLWNARDNDGILKLFKDDAVFNLNGVPYKGKEAIKKVLESAPKAKYKITKIDIKIVGNEIIVN
VDVLATGPSGFTLKVKSTITFDEDMKITSYEVNLEGS
;
_entity_poly.pdbx_strand_id   A,B
#
loop_
_chem_comp.id
_chem_comp.type
_chem_comp.name
_chem_comp.formula
GG2 non-polymer 1-(4-METHOXYPHENYL)-7-OXO-6-[4-(2-OXOPIPERIDIN-1-YL)PHENYL]-4,5,6,7-TETRAHYDRO-1H-PYRAZOLO[3,4-C]PYRIDINE-3-CARBOXAMIDE 'C25 H25 N5 O4'
#
# COMPACT_ATOMS: atom_id res chain seq x y z
N SER A 3 24.38 -6.99 11.43
CA SER A 3 24.20 -5.55 11.47
C SER A 3 23.56 -5.06 10.17
N ALA A 4 24.16 -5.43 9.05
CA ALA A 4 23.60 -5.08 7.75
C ALA A 4 22.28 -5.80 7.53
N ARG A 5 22.26 -7.11 7.76
CA ARG A 5 21.02 -7.87 7.58
C ARG A 5 20.03 -7.57 8.71
N ILE A 6 20.52 -7.14 9.87
CA ILE A 6 19.63 -6.83 10.98
C ILE A 6 18.80 -5.58 10.66
N ALA A 7 19.48 -4.49 10.29
CA ALA A 7 18.77 -3.23 10.05
C ALA A 7 17.84 -3.35 8.85
N LYS A 8 18.29 -4.03 7.78
CA LYS A 8 17.42 -4.24 6.63
C LYS A 8 16.17 -5.02 7.04
N ALA A 9 16.34 -6.05 7.88
CA ALA A 9 15.18 -6.76 8.39
C ALA A 9 14.31 -5.87 9.26
N LYS A 10 14.94 -4.97 10.02
CA LYS A 10 14.18 -4.03 10.84
C LYS A 10 13.34 -3.11 9.98
N LYS A 11 13.95 -2.52 8.94
CA LYS A 11 13.22 -1.67 8.02
C LYS A 11 12.02 -2.40 7.43
N LEU A 12 12.17 -3.71 7.17
CA LEU A 12 11.07 -4.50 6.65
C LEU A 12 9.95 -4.63 7.68
N ILE A 13 10.30 -4.73 8.96
CA ILE A 13 9.29 -4.91 9.99
C ILE A 13 8.46 -3.63 10.15
N TYR A 14 9.15 -2.49 10.25
CA TYR A 14 8.44 -1.22 10.36
C TYR A 14 7.67 -0.90 9.10
N LYS A 15 8.19 -1.31 7.93
CA LYS A 15 7.41 -1.24 6.71
C LYS A 15 6.17 -2.11 6.80
N LEU A 16 6.29 -3.27 7.45
CA LEU A 16 5.13 -4.15 7.61
C LEU A 16 4.09 -3.57 8.55
N GLU A 17 4.51 -2.81 9.56
CA GLU A 17 3.54 -2.20 10.47
C GLU A 17 2.64 -1.22 9.72
N LYS A 18 3.24 -0.36 8.90
CA LYS A 18 2.44 0.56 8.11
C LYS A 18 1.57 -0.19 7.11
N LEU A 19 2.11 -1.23 6.49
CA LEU A 19 1.32 -2.03 5.57
C LEU A 19 0.09 -2.61 6.25
N TRP A 20 0.25 -3.14 7.47
CA TRP A 20 -0.87 -3.77 8.16
C TRP A 20 -1.93 -2.75 8.56
N ASN A 21 -1.51 -1.57 9.01
CA ASN A 21 -2.48 -0.58 9.44
C ASN A 21 -3.24 0.03 8.27
N ALA A 22 -2.59 0.14 7.11
CA ALA A 22 -3.26 0.64 5.92
C ALA A 22 -3.98 -0.46 5.15
N ARG A 23 -3.92 -1.70 5.64
CA ARG A 23 -4.49 -2.85 4.95
C ARG A 23 -3.99 -2.94 3.50
N ASP A 24 -2.71 -2.63 3.30
CA ASP A 24 -2.09 -2.77 1.99
C ASP A 24 -1.71 -4.23 1.78
N ASN A 25 -2.76 -5.06 1.64
CA ASN A 25 -2.57 -6.51 1.53
C ASN A 25 -1.71 -6.87 0.34
N ASP A 26 -1.86 -6.15 -0.77
CA ASP A 26 -0.98 -6.37 -1.91
C ASP A 26 0.46 -6.05 -1.56
N GLY A 27 0.69 -4.91 -0.90
CA GLY A 27 2.04 -4.57 -0.49
C GLY A 27 2.64 -5.58 0.47
N ILE A 28 1.81 -6.14 1.36
CA ILE A 28 2.27 -7.19 2.27
C ILE A 28 2.67 -8.44 1.47
N LEU A 29 1.78 -8.88 0.57
CA LEU A 29 2.04 -10.10 -0.18
C LEU A 29 3.31 -10.01 -1.01
N LYS A 30 3.64 -8.81 -1.51
CA LYS A 30 4.87 -8.65 -2.29
C LYS A 30 6.11 -8.96 -1.46
N LEU A 31 6.03 -8.88 -0.13
CA LEU A 31 7.16 -9.19 0.74
C LEU A 31 7.36 -10.67 0.96
N PHE A 32 6.46 -11.51 0.45
CA PHE A 32 6.46 -12.95 0.70
C PHE A 32 7.08 -13.71 -0.47
N LYS A 33 7.57 -14.91 -0.17
CA LYS A 33 7.79 -15.92 -1.20
C LYS A 33 6.45 -16.52 -1.63
N ASP A 34 6.43 -17.07 -2.84
CA ASP A 34 5.17 -17.59 -3.39
C ASP A 34 4.62 -18.73 -2.54
N ASP A 35 5.47 -19.65 -2.11
CA ASP A 35 5.06 -20.78 -1.28
C ASP A 35 5.42 -20.58 0.19
N ALA A 36 5.30 -19.35 0.69
CA ALA A 36 5.49 -19.09 2.11
C ALA A 36 4.26 -19.54 2.89
N VAL A 37 4.41 -19.63 4.21
CA VAL A 37 3.34 -20.07 5.09
C VAL A 37 3.02 -18.95 6.07
N PHE A 38 1.73 -18.63 6.20
CA PHE A 38 1.25 -17.72 7.23
C PHE A 38 0.64 -18.59 8.32
N ASN A 39 1.35 -18.72 9.44
CA ASN A 39 0.89 -19.54 10.56
C ASN A 39 0.04 -18.65 11.46
N LEU A 40 -1.27 -18.69 11.24
CA LEU A 40 -2.23 -17.90 12.01
C LEU A 40 -2.69 -18.72 13.21
N ASN A 41 -2.09 -18.45 14.37
CA ASN A 41 -2.47 -19.09 15.62
C ASN A 41 -2.46 -20.62 15.46
N GLY A 42 -1.30 -21.15 15.12
CA GLY A 42 -1.15 -22.58 14.94
C GLY A 42 -1.76 -23.14 13.68
N VAL A 43 -2.44 -22.33 12.86
CA VAL A 43 -3.07 -22.80 11.64
C VAL A 43 -2.23 -22.29 10.46
N PRO A 44 -1.55 -23.17 9.72
CA PRO A 44 -0.69 -22.71 8.62
C PRO A 44 -1.47 -22.49 7.33
N TYR A 45 -1.08 -21.44 6.62
CA TYR A 45 -1.64 -21.10 5.31
C TYR A 45 -0.49 -20.99 4.33
N LYS A 46 -0.25 -22.05 3.56
CA LYS A 46 0.82 -22.07 2.58
C LYS A 46 0.32 -21.52 1.25
N GLY A 47 1.19 -20.74 0.59
CA GLY A 47 0.87 -20.21 -0.72
C GLY A 47 0.26 -18.81 -0.66
N LYS A 48 0.56 -17.99 -1.68
CA LYS A 48 0.08 -16.62 -1.68
C LYS A 48 -1.43 -16.51 -1.83
N GLU A 49 -2.08 -17.57 -2.32
CA GLU A 49 -3.53 -17.54 -2.47
C GLU A 49 -4.22 -17.69 -1.12
N ALA A 50 -3.68 -18.55 -0.24
CA ALA A 50 -4.23 -18.68 1.10
C ALA A 50 -3.80 -17.54 2.01
N ILE A 51 -2.69 -16.86 1.70
CA ILE A 51 -2.23 -15.76 2.54
C ILE A 51 -3.05 -14.51 2.29
N LYS A 52 -3.38 -14.24 1.03
CA LYS A 52 -4.20 -13.07 0.71
C LYS A 52 -5.55 -13.14 1.40
N LYS A 53 -6.11 -14.35 1.53
CA LYS A 53 -7.35 -14.54 2.29
C LYS A 53 -7.14 -14.20 3.75
N VAL A 54 -6.06 -14.69 4.35
CA VAL A 54 -5.75 -14.36 5.74
C VAL A 54 -5.66 -12.85 5.93
N LEU A 55 -5.05 -12.16 4.95
CA LEU A 55 -4.93 -10.71 5.03
C LEU A 55 -6.30 -10.04 5.02
N GLU A 56 -7.20 -10.52 4.17
CA GLU A 56 -8.51 -9.88 4.01
C GLU A 56 -9.47 -10.20 5.15
N SER A 57 -9.33 -11.37 5.77
CA SER A 57 -10.18 -11.75 6.89
C SER A 57 -9.69 -11.22 8.22
N ALA A 58 -8.55 -10.53 8.26
CA ALA A 58 -8.04 -9.98 9.49
C ALA A 58 -8.98 -8.90 10.01
N PRO A 59 -9.04 -8.71 11.33
CA PRO A 59 -9.86 -7.63 11.88
C PRO A 59 -9.30 -6.26 11.51
N LYS A 60 -10.15 -5.25 11.63
CA LYS A 60 -9.74 -3.86 11.40
C LYS A 60 -8.98 -3.39 12.65
N ALA A 61 -7.70 -3.75 12.68
CA ALA A 61 -6.86 -3.52 13.85
C ALA A 61 -5.84 -2.41 13.60
N LYS A 62 -5.37 -1.83 14.69
CA LYS A 62 -4.24 -0.92 14.70
C LYS A 62 -3.12 -1.58 15.50
N TYR A 63 -1.92 -1.64 14.91
CA TYR A 63 -0.80 -2.34 15.49
C TYR A 63 0.31 -1.37 15.86
N LYS A 64 0.94 -1.59 17.01
CA LYS A 64 2.13 -0.85 17.40
C LYS A 64 3.20 -1.84 17.85
N ILE A 65 4.39 -1.74 17.25
CA ILE A 65 5.51 -2.56 17.68
C ILE A 65 6.02 -2.05 19.01
N THR A 66 6.32 -2.99 19.93
CA THR A 66 6.87 -2.65 21.22
C THR A 66 8.21 -3.30 21.51
N LYS A 67 8.66 -4.24 20.67
CA LYS A 67 9.92 -4.95 20.87
C LYS A 67 10.27 -5.79 19.65
N ILE A 68 11.52 -5.73 19.21
CA ILE A 68 12.01 -6.50 18.08
C ILE A 68 13.14 -7.40 18.56
N ASP A 69 13.07 -8.69 18.21
CA ASP A 69 14.11 -9.66 18.50
C ASP A 69 14.55 -10.29 17.18
N ILE A 70 15.79 -10.03 16.78
CA ILE A 70 16.34 -10.49 15.52
C ILE A 70 17.38 -11.57 15.81
N LYS A 71 17.24 -12.73 15.16
CA LYS A 71 18.18 -13.83 15.30
C LYS A 71 18.70 -14.24 13.93
N ILE A 72 20.00 -14.48 13.84
CA ILE A 72 20.64 -14.93 12.62
C ILE A 72 20.91 -16.42 12.75
N VAL A 73 20.22 -17.23 11.96
CA VAL A 73 20.39 -18.68 11.98
C VAL A 73 21.09 -19.14 10.71
N GLY A 74 21.90 -18.27 10.13
CA GLY A 74 22.62 -18.59 8.90
C GLY A 74 22.19 -17.74 7.74
N ASN A 75 21.69 -18.37 6.68
CA ASN A 75 21.12 -17.66 5.55
C ASN A 75 19.72 -17.14 5.84
N GLU A 76 19.16 -17.45 7.01
CA GLU A 76 17.81 -17.03 7.38
C GLU A 76 17.86 -16.15 8.62
N ILE A 77 17.01 -15.13 8.65
CA ILE A 77 16.86 -14.25 9.80
C ILE A 77 15.50 -14.53 10.42
N ILE A 78 15.49 -14.92 11.69
CA ILE A 78 14.26 -15.16 12.43
C ILE A 78 14.01 -13.94 13.29
N VAL A 79 12.87 -13.28 13.09
CA VAL A 79 12.55 -12.04 13.76
C VAL A 79 11.34 -12.27 14.66
N ASN A 80 11.51 -11.98 15.94
CA ASN A 80 10.40 -11.96 16.90
C ASN A 80 10.03 -10.52 17.18
N VAL A 81 8.74 -10.21 17.08
CA VAL A 81 8.25 -8.85 17.28
C VAL A 81 7.06 -8.88 18.23
N ASP A 82 7.16 -8.14 19.32
CA ASP A 82 6.01 -7.89 20.18
C ASP A 82 5.19 -6.75 19.61
N VAL A 83 3.88 -6.92 19.57
CA VAL A 83 2.97 -5.99 18.91
C VAL A 83 1.79 -5.70 19.83
N LEU A 84 1.46 -4.42 19.98
CA LEU A 84 0.23 -4.01 20.62
C LEU A 84 -0.86 -3.94 19.56
N ALA A 85 -1.80 -4.89 19.61
CA ALA A 85 -2.89 -4.96 18.65
C ALA A 85 -4.12 -4.30 19.27
N THR A 86 -4.56 -3.20 18.67
CA THR A 86 -5.77 -2.50 19.09
C THR A 86 -6.88 -2.82 18.10
N GLY A 87 -8.00 -3.34 18.59
CA GLY A 87 -9.06 -3.79 17.72
C GLY A 87 -10.03 -2.69 17.36
N PRO A 88 -11.06 -3.04 16.57
CA PRO A 88 -12.01 -2.02 16.08
C PRO A 88 -12.85 -1.38 17.17
N SER A 89 -12.86 -1.93 18.38
CA SER A 89 -13.64 -1.37 19.48
C SER A 89 -12.77 -1.02 20.68
N GLY A 90 -11.47 -0.79 20.44
CA GLY A 90 -10.59 -0.24 21.45
C GLY A 90 -9.91 -1.24 22.36
N PHE A 91 -10.16 -2.55 22.19
CA PHE A 91 -9.51 -3.55 23.02
C PHE A 91 -8.08 -3.78 22.55
N THR A 92 -7.12 -3.48 23.43
CA THR A 92 -5.71 -3.62 23.10
C THR A 92 -5.23 -4.98 23.58
N LEU A 93 -4.58 -5.74 22.69
CA LEU A 93 -4.16 -7.09 23.01
C LEU A 93 -2.70 -7.27 22.60
N LYS A 94 -1.92 -7.90 23.48
CA LYS A 94 -0.52 -8.18 23.20
C LYS A 94 -0.42 -9.40 22.31
N VAL A 95 0.11 -9.21 21.10
CA VAL A 95 0.28 -10.31 20.15
C VAL A 95 1.75 -10.43 19.81
N LYS A 96 2.10 -11.52 19.13
CA LYS A 96 3.48 -11.79 18.76
C LYS A 96 3.53 -12.39 17.36
N SER A 97 4.59 -12.05 16.63
CA SER A 97 4.82 -12.58 15.31
C SER A 97 6.23 -13.14 15.22
N THR A 98 6.38 -14.27 14.54
CA THR A 98 7.67 -14.88 14.25
C THR A 98 7.82 -14.89 12.73
N ILE A 99 8.63 -13.97 12.21
CA ILE A 99 8.79 -13.79 10.77
C ILE A 99 10.19 -14.24 10.38
N THR A 100 10.25 -15.15 9.42
CA THR A 100 11.51 -15.71 8.93
C THR A 100 11.79 -15.19 7.52
N PHE A 101 12.99 -14.66 7.33
CA PHE A 101 13.44 -14.17 6.03
C PHE A 101 14.53 -15.07 5.49
N ASP A 102 14.61 -15.18 4.17
CA ASP A 102 15.66 -15.98 3.55
C ASP A 102 16.84 -15.07 3.18
N GLU A 103 17.76 -15.58 2.37
CA GLU A 103 18.96 -14.82 2.05
C GLU A 103 18.67 -13.60 1.16
N ASP A 104 17.55 -13.61 0.44
CA ASP A 104 17.15 -12.46 -0.37
C ASP A 104 16.09 -11.60 0.33
N MET A 105 16.01 -11.68 1.66
CA MET A 105 15.13 -10.84 2.48
C MET A 105 13.66 -11.02 2.11
N LYS A 106 13.27 -12.24 1.75
CA LYS A 106 11.89 -12.55 1.43
C LYS A 106 11.29 -13.37 2.57
N ILE A 107 10.02 -13.13 2.87
CA ILE A 107 9.34 -13.79 3.97
C ILE A 107 9.01 -15.23 3.55
N THR A 108 9.53 -16.19 4.29
CA THR A 108 9.22 -17.60 4.06
C THR A 108 8.24 -18.17 5.06
N SER A 109 8.22 -17.65 6.29
CA SER A 109 7.27 -18.08 7.30
C SER A 109 6.88 -16.88 8.15
N TYR A 110 5.60 -16.84 8.52
CA TYR A 110 5.02 -15.70 9.25
C TYR A 110 4.03 -16.26 10.27
N GLU A 111 4.52 -16.56 11.46
CA GLU A 111 3.68 -17.03 12.54
C GLU A 111 3.13 -15.85 13.32
N VAL A 112 1.83 -15.89 13.62
CA VAL A 112 1.22 -14.94 14.55
C VAL A 112 0.51 -15.75 15.63
N ASN A 113 0.89 -15.52 16.88
CA ASN A 113 0.31 -16.24 18.00
C ASN A 113 -0.41 -15.26 18.91
N LEU A 114 -1.60 -15.68 19.37
CA LEU A 114 -2.45 -14.83 20.19
C LEU A 114 -2.73 -15.52 21.52
N SER B 2 -2.49 -3.69 -26.49
CA SER B 2 -3.11 -2.44 -26.03
C SER B 2 -4.21 -2.70 -25.02
N SER B 3 -5.04 -3.73 -25.29
CA SER B 3 -6.09 -4.10 -24.36
C SER B 3 -5.52 -4.45 -22.98
N ALA B 4 -4.32 -5.05 -22.96
CA ALA B 4 -3.69 -5.39 -21.70
C ALA B 4 -3.32 -4.14 -20.91
N ARG B 5 -2.73 -3.16 -21.59
CA ARG B 5 -2.38 -1.90 -20.91
C ARG B 5 -3.62 -1.14 -20.49
N ILE B 6 -4.65 -1.14 -21.33
CA ILE B 6 -5.88 -0.41 -21.02
C ILE B 6 -6.56 -0.99 -19.79
N ALA B 7 -6.57 -2.32 -19.66
CA ALA B 7 -7.18 -2.94 -18.48
C ALA B 7 -6.31 -2.75 -17.25
N LYS B 8 -4.98 -2.84 -17.41
CA LYS B 8 -4.09 -2.56 -16.29
C LYS B 8 -4.21 -1.11 -15.83
N ALA B 9 -4.35 -0.18 -16.77
CA ALA B 9 -4.54 1.22 -16.40
C ALA B 9 -5.80 1.41 -15.58
N LYS B 10 -6.89 0.73 -15.96
CA LYS B 10 -8.15 0.88 -15.25
C LYS B 10 -8.05 0.35 -13.82
N LYS B 11 -7.34 -0.75 -13.62
CA LYS B 11 -7.15 -1.30 -12.28
C LYS B 11 -6.57 -0.26 -11.33
N LEU B 12 -5.47 0.38 -11.73
CA LEU B 12 -4.83 1.35 -10.85
C LEU B 12 -5.67 2.59 -10.64
N ILE B 13 -6.59 2.90 -11.55
CA ILE B 13 -7.53 3.99 -11.28
C ILE B 13 -8.45 3.62 -10.14
N TYR B 14 -9.13 2.48 -10.25
CA TYR B 14 -10.02 2.06 -9.17
C TYR B 14 -9.24 1.77 -7.89
N LYS B 15 -8.00 1.30 -8.00
CA LYS B 15 -7.18 1.14 -6.82
C LYS B 15 -6.90 2.48 -6.16
N LEU B 16 -6.61 3.51 -6.97
CA LEU B 16 -6.35 4.84 -6.44
C LEU B 16 -7.56 5.39 -5.69
N GLU B 17 -8.78 5.07 -6.16
CA GLU B 17 -9.98 5.54 -5.47
C GLU B 17 -10.06 5.01 -4.05
N LYS B 18 -9.84 3.70 -3.87
CA LYS B 18 -9.80 3.13 -2.53
C LYS B 18 -8.71 3.78 -1.70
N LEU B 19 -7.51 3.92 -2.27
CA LEU B 19 -6.40 4.48 -1.52
C LEU B 19 -6.65 5.95 -1.17
N TRP B 20 -7.19 6.72 -2.11
CA TRP B 20 -7.57 8.10 -1.78
C TRP B 20 -8.66 8.12 -0.72
N ASN B 21 -9.64 7.22 -0.81
CA ASN B 21 -10.74 7.22 0.14
C ASN B 21 -10.33 6.79 1.54
N ALA B 22 -9.21 6.08 1.67
CA ALA B 22 -8.68 5.66 2.96
C ALA B 22 -7.43 6.45 3.37
N ARG B 23 -7.01 7.41 2.55
CA ARG B 23 -5.80 8.21 2.81
C ARG B 23 -4.58 7.33 3.00
N ASP B 24 -4.48 6.27 2.19
CA ASP B 24 -3.26 5.46 2.11
C ASP B 24 -2.26 6.19 1.21
N ASN B 25 -1.72 7.28 1.75
CA ASN B 25 -0.86 8.16 0.95
C ASN B 25 0.46 7.48 0.61
N ASP B 26 0.92 6.55 1.45
CA ASP B 26 2.09 5.75 1.11
C ASP B 26 1.80 4.87 -0.10
N GLY B 27 0.64 4.20 -0.09
CA GLY B 27 0.23 3.39 -1.23
C GLY B 27 0.00 4.20 -2.49
N ILE B 28 -0.35 5.48 -2.35
CA ILE B 28 -0.45 6.35 -3.52
C ILE B 28 0.94 6.63 -4.09
N LEU B 29 1.90 6.93 -3.21
CA LEU B 29 3.26 7.21 -3.67
C LEU B 29 3.93 5.99 -4.27
N LYS B 30 3.50 4.78 -3.89
CA LYS B 30 4.09 3.57 -4.46
C LYS B 30 3.91 3.52 -5.98
N LEU B 31 2.77 4.00 -6.47
CA LEU B 31 2.52 4.01 -7.91
C LEU B 31 3.24 5.16 -8.61
N PHE B 32 3.77 6.12 -7.86
CA PHE B 32 4.43 7.29 -8.45
C PHE B 32 5.89 6.99 -8.79
N LYS B 33 6.36 7.53 -9.90
CA LYS B 33 7.77 7.53 -10.19
C LYS B 33 8.48 8.51 -9.27
N ASP B 34 9.76 8.23 -8.98
CA ASP B 34 10.52 9.05 -8.05
C ASP B 34 10.52 10.52 -8.46
N ASP B 35 10.57 10.78 -9.76
CA ASP B 35 10.64 12.13 -10.30
C ASP B 35 9.29 12.64 -10.79
N ALA B 36 8.20 12.00 -10.38
CA ALA B 36 6.89 12.38 -10.88
C ALA B 36 6.48 13.75 -10.36
N VAL B 37 5.51 14.35 -11.06
CA VAL B 37 4.97 15.66 -10.69
C VAL B 37 3.48 15.52 -10.44
N PHE B 38 2.98 16.25 -9.46
CA PHE B 38 1.56 16.30 -9.12
C PHE B 38 1.12 17.75 -9.31
N ASN B 39 0.38 18.01 -10.38
CA ASN B 39 -0.07 19.36 -10.69
C ASN B 39 -1.40 19.60 -9.97
N LEU B 40 -1.36 20.36 -8.89
CA LEU B 40 -2.55 20.65 -8.10
C LEU B 40 -3.08 22.02 -8.49
N ASN B 41 -4.09 22.03 -9.36
CA ASN B 41 -4.79 23.24 -9.77
C ASN B 41 -3.82 24.28 -10.35
N GLY B 42 -2.98 23.83 -11.28
CA GLY B 42 -2.06 24.71 -11.96
C GLY B 42 -0.70 24.86 -11.31
N VAL B 43 -0.50 24.32 -10.11
CA VAL B 43 0.78 24.41 -9.40
C VAL B 43 1.41 23.03 -9.39
N PRO B 44 2.62 22.87 -9.95
CA PRO B 44 3.26 21.55 -9.96
C PRO B 44 4.06 21.26 -8.69
N TYR B 45 4.02 19.99 -8.28
CA TYR B 45 4.78 19.50 -7.15
C TYR B 45 5.64 18.33 -7.64
N LYS B 46 6.94 18.55 -7.75
CA LYS B 46 7.87 17.57 -8.30
C LYS B 46 8.52 16.77 -7.18
N GLY B 47 8.55 15.45 -7.34
CA GLY B 47 9.20 14.58 -6.38
C GLY B 47 8.23 14.05 -5.33
N LYS B 48 8.50 12.82 -4.88
CA LYS B 48 7.62 12.17 -3.91
C LYS B 48 7.47 12.99 -2.65
N GLU B 49 8.59 13.49 -2.11
CA GLU B 49 8.55 14.23 -0.86
C GLU B 49 7.73 15.51 -0.98
N ALA B 50 7.65 16.08 -2.19
CA ALA B 50 6.74 17.20 -2.42
C ALA B 50 5.32 16.72 -2.71
N ILE B 51 5.19 15.59 -3.40
CA ILE B 51 3.85 15.05 -3.63
C ILE B 51 3.24 14.56 -2.32
N LYS B 52 4.07 14.07 -1.39
CA LYS B 52 3.55 13.69 -0.07
C LYS B 52 2.97 14.90 0.65
N LYS B 53 3.50 16.10 0.41
CA LYS B 53 2.88 17.32 0.92
C LYS B 53 1.40 17.41 0.52
N VAL B 54 1.14 17.31 -0.78
CA VAL B 54 -0.22 17.43 -1.29
C VAL B 54 -1.12 16.37 -0.68
N LEU B 55 -0.57 15.17 -0.47
CA LEU B 55 -1.37 14.06 0.04
C LEU B 55 -1.81 14.30 1.48
N GLU B 56 -0.95 14.91 2.30
CA GLU B 56 -1.29 15.11 3.71
C GLU B 56 -2.19 16.32 3.91
N SER B 57 -1.95 17.39 3.14
CA SER B 57 -2.80 18.57 3.24
C SER B 57 -4.06 18.47 2.40
N ALA B 58 -4.30 17.33 1.75
CA ALA B 58 -5.55 17.15 1.04
C ALA B 58 -6.69 16.99 2.04
N PRO B 59 -7.85 17.58 1.78
CA PRO B 59 -8.94 17.50 2.75
C PRO B 59 -9.50 16.10 2.84
N LYS B 60 -10.15 15.82 3.97
CA LYS B 60 -10.77 14.51 4.17
C LYS B 60 -11.99 14.42 3.26
N ALA B 61 -11.80 13.84 2.07
CA ALA B 61 -12.85 13.78 1.08
C ALA B 61 -13.11 12.33 0.67
N LYS B 62 -14.30 12.10 0.13
CA LYS B 62 -14.71 10.82 -0.41
C LYS B 62 -14.85 10.96 -1.92
N TYR B 63 -14.31 10.00 -2.65
CA TYR B 63 -14.20 10.08 -4.10
C TYR B 63 -14.93 8.93 -4.76
N LYS B 64 -15.74 9.27 -5.77
CA LYS B 64 -16.40 8.29 -6.63
C LYS B 64 -15.98 8.56 -8.06
N ILE B 65 -15.54 7.52 -8.75
CA ILE B 65 -15.25 7.62 -10.18
C ILE B 65 -16.57 7.58 -10.94
N THR B 66 -16.70 8.45 -11.95
CA THR B 66 -17.89 8.47 -12.80
C THR B 66 -17.60 8.21 -14.27
N LYS B 67 -16.39 8.48 -14.76
CA LYS B 67 -16.08 8.28 -16.16
C LYS B 67 -14.57 8.14 -16.31
N ILE B 68 -14.16 7.20 -17.15
CA ILE B 68 -12.75 6.93 -17.41
C ILE B 68 -12.51 6.98 -18.90
N ASP B 69 -11.45 7.69 -19.30
CA ASP B 69 -11.03 7.80 -20.70
C ASP B 69 -9.54 7.48 -20.78
N ILE B 70 -9.19 6.40 -21.47
CA ILE B 70 -7.81 5.93 -21.57
C ILE B 70 -7.31 6.13 -22.99
N LYS B 71 -6.10 6.66 -23.12
CA LYS B 71 -5.49 6.97 -24.41
C LYS B 71 -4.04 6.52 -24.39
N ILE B 72 -3.62 5.84 -25.44
CA ILE B 72 -2.23 5.46 -25.65
C ILE B 72 -1.68 6.33 -26.76
N VAL B 73 -0.86 7.32 -26.38
CA VAL B 73 -0.31 8.27 -27.35
C VAL B 73 1.18 8.00 -27.54
N GLY B 74 1.55 6.72 -27.59
CA GLY B 74 2.93 6.30 -27.74
C GLY B 74 3.26 5.14 -26.82
N ASN B 75 4.33 5.26 -26.07
CA ASN B 75 4.62 4.29 -25.01
C ASN B 75 4.00 4.71 -23.68
N GLU B 76 3.41 5.89 -23.61
CA GLU B 76 2.75 6.38 -22.41
C GLU B 76 1.25 6.05 -22.45
N ILE B 77 0.61 6.24 -21.31
CA ILE B 77 -0.83 6.01 -21.15
C ILE B 77 -1.39 7.16 -20.33
N ILE B 78 -2.16 8.02 -20.97
CA ILE B 78 -2.76 9.19 -20.32
C ILE B 78 -4.20 8.86 -19.99
N VAL B 79 -4.62 9.17 -18.75
CA VAL B 79 -5.93 8.78 -18.27
C VAL B 79 -6.65 10.02 -17.74
N ASN B 80 -7.81 10.32 -18.31
CA ASN B 80 -8.69 11.39 -17.84
C ASN B 80 -9.88 10.75 -17.13
N VAL B 81 -9.97 10.96 -15.82
CA VAL B 81 -11.03 10.38 -14.99
C VAL B 81 -11.87 11.52 -14.42
N ASP B 82 -13.19 11.39 -14.57
CA ASP B 82 -14.14 12.30 -13.94
C ASP B 82 -14.43 11.80 -12.54
N VAL B 83 -14.43 12.71 -11.57
CA VAL B 83 -14.48 12.35 -10.16
C VAL B 83 -15.58 13.14 -9.47
N LEU B 84 -16.41 12.45 -8.70
CA LEU B 84 -17.33 13.08 -7.76
C LEU B 84 -16.65 13.13 -6.40
N ALA B 85 -16.20 14.30 -6.01
CA ALA B 85 -15.49 14.50 -4.76
C ALA B 85 -16.43 15.16 -3.75
N THR B 86 -16.56 14.54 -2.58
CA THR B 86 -17.43 15.05 -1.51
C THR B 86 -16.54 15.44 -0.34
N GLY B 87 -16.67 16.70 0.09
CA GLY B 87 -15.83 17.24 1.14
C GLY B 87 -16.34 16.87 2.52
N PRO B 88 -15.62 17.38 3.53
CA PRO B 88 -15.93 16.99 4.92
C PRO B 88 -17.31 17.41 5.38
N SER B 89 -17.93 18.40 4.73
CA SER B 89 -19.27 18.84 5.11
C SER B 89 -20.34 18.36 4.13
N GLY B 90 -19.99 17.50 3.18
CA GLY B 90 -20.95 16.95 2.26
C GLY B 90 -21.11 17.70 0.96
N PHE B 91 -20.31 18.74 0.72
CA PHE B 91 -20.38 19.47 -0.55
C PHE B 91 -19.72 18.62 -1.63
N THR B 92 -20.55 18.02 -2.48
CA THR B 92 -20.03 17.22 -3.59
C THR B 92 -19.63 18.13 -4.75
N LEU B 93 -18.48 17.83 -5.35
CA LEU B 93 -17.93 18.64 -6.42
C LEU B 93 -17.34 17.74 -7.50
N LYS B 94 -17.58 18.11 -8.75
CA LYS B 94 -17.02 17.38 -9.89
C LYS B 94 -15.61 17.91 -10.16
N VAL B 95 -14.62 17.05 -9.97
CA VAL B 95 -13.23 17.39 -10.27
C VAL B 95 -12.74 16.47 -11.37
N LYS B 96 -11.60 16.83 -11.96
CA LYS B 96 -11.03 16.13 -13.10
C LYS B 96 -9.57 15.83 -12.83
N SER B 97 -9.18 14.57 -13.03
CA SER B 97 -7.79 14.15 -12.91
C SER B 97 -7.29 13.68 -14.27
N THR B 98 -6.10 14.13 -14.64
CA THR B 98 -5.38 13.61 -15.80
C THR B 98 -4.14 12.90 -15.28
N ILE B 99 -4.11 11.58 -15.48
CA ILE B 99 -3.07 10.71 -14.93
C ILE B 99 -2.39 10.00 -16.08
N THR B 100 -1.08 10.21 -16.22
CA THR B 100 -0.30 9.65 -17.31
C THR B 100 0.67 8.61 -16.76
N PHE B 101 0.72 7.45 -17.41
CA PHE B 101 1.61 6.35 -17.03
C PHE B 101 2.67 6.16 -18.10
N ASP B 102 3.83 5.67 -17.68
CA ASP B 102 4.91 5.36 -18.61
C ASP B 102 4.79 3.91 -19.06
N GLU B 103 5.86 3.35 -19.63
CA GLU B 103 5.80 1.97 -20.11
C GLU B 103 5.74 0.98 -18.96
N ASP B 104 6.33 1.32 -17.80
CA ASP B 104 6.28 0.47 -16.63
C ASP B 104 5.08 0.78 -15.73
N MET B 105 4.08 1.47 -16.27
CA MET B 105 2.83 1.79 -15.59
C MET B 105 3.04 2.54 -14.28
N LYS B 106 4.17 3.22 -14.13
CA LYS B 106 4.38 4.11 -13.00
C LYS B 106 3.81 5.49 -13.32
N ILE B 107 3.37 6.20 -12.28
CA ILE B 107 2.81 7.53 -12.47
C ILE B 107 3.94 8.54 -12.65
N THR B 108 3.94 9.23 -13.79
CA THR B 108 4.86 10.32 -14.04
C THR B 108 4.21 11.69 -14.00
N SER B 109 2.89 11.76 -14.16
CA SER B 109 2.16 13.02 -14.12
C SER B 109 0.76 12.76 -13.60
N TYR B 110 0.30 13.65 -12.72
CA TYR B 110 -1.00 13.49 -12.07
C TYR B 110 -1.55 14.90 -11.86
N GLU B 111 -2.50 15.29 -12.69
CA GLU B 111 -3.04 16.66 -12.70
C GLU B 111 -4.47 16.62 -12.20
N VAL B 112 -4.74 17.40 -11.14
CA VAL B 112 -6.08 17.51 -10.57
C VAL B 112 -6.57 18.94 -10.79
N ASN B 113 -7.58 19.09 -11.64
CA ASN B 113 -8.20 20.38 -11.92
C ASN B 113 -9.59 20.40 -11.32
N LEU B 114 -9.84 21.36 -10.44
CA LEU B 114 -11.06 21.38 -9.66
C LEU B 114 -11.96 22.56 -10.02
C1 GG2 C . -6.58 -8.55 18.19
C2 GG2 C . -6.65 -9.94 18.20
C3 GG2 C . -6.38 -10.65 17.05
O4 GG2 C . -6.85 -7.85 19.37
N6 GG2 C . -6.65 -11.50 14.16
C7 GG2 C . -1.12 -9.19 13.05
C8 GG2 C . -3.30 -9.97 14.13
C10 GG2 C . -6.11 -12.01 13.09
C11 GG2 C . -6.80 -12.99 12.16
C12 GG2 C . -4.70 -11.53 12.86
C13 GG2 C . -4.60 -10.67 13.97
C14 GG2 C . 0.40 -7.65 12.03
C15 GG2 C . -7.09 -6.48 19.18
C16 GG2 C . 1.26 -7.80 13.11
C19 GG2 C . 3.74 -7.72 12.78
C20 GG2 C . 2.49 -5.65 13.48
C21 GG2 C . 3.52 -4.85 12.68
C22 GG2 C . -0.25 -9.35 14.13
C24 GG2 C . -2.78 -10.52 11.67
C4 GG2 C . -6.05 -9.98 15.88
C5 GG2 C . -5.98 -8.59 15.87
C6 GG2 C . -6.25 -7.88 17.03
N1 GG2 C . -5.78 -10.72 14.67
N5 GG2 C . -2.38 -9.93 12.99
C44 GG2 C . -0.79 -8.35 12.01
N2 GG2 C . 2.50 -7.05 13.12
C18 GG2 C . 0.93 -8.64 14.15
O3 GG2 C . -2.95 -9.38 15.35
C25 GG2 C . 4.87 -5.50 12.34
O2 GG2 C . 3.73 -8.86 12.50
C23 GG2 C . 5.04 -6.93 12.81
O1 GG2 C . -6.39 -13.16 11.06
N3 GG2 C . -7.97 -13.71 12.62
C17 GG2 C . -3.67 -11.80 11.80
C1 GG2 D . -13.34 19.19 -3.19
C2 GG2 D . -12.50 20.23 -3.54
C3 GG2 D . -11.13 20.02 -3.59
O4 GG2 D . -14.72 19.41 -3.13
N6 GG2 D . -8.36 19.38 -2.74
C7 GG2 D . -8.30 14.19 -5.90
C8 GG2 D . -8.89 16.43 -4.87
C10 GG2 D . -7.15 18.95 -2.97
C11 GG2 D . -5.91 19.64 -2.41
C12 GG2 D . -7.11 17.73 -3.83
C13 GG2 D . -8.50 17.58 -4.02
C14 GG2 D . -8.40 11.81 -6.02
C15 GG2 D . -15.41 18.42 -2.42
C16 GG2 D . -9.02 11.89 -7.25
C19 GG2 D . -8.64 10.25 -9.11
C20 GG2 D . -10.49 9.85 -7.47
C21 GG2 D . -10.18 8.36 -7.60
C22 GG2 D . -8.91 14.28 -7.14
C24 GG2 D . -6.56 15.42 -4.53
C4 GG2 D . -10.59 18.78 -3.30
C5 GG2 D . -11.44 17.74 -2.95
C6 GG2 D . -12.81 17.95 -2.89
N1 GG2 D . -9.16 18.60 -3.35
N5 GG2 D . -7.91 15.38 -5.17
C44 GG2 D . -8.04 12.96 -5.34
N2 GG2 D . -9.39 10.66 -7.94
C18 GG2 D . -9.27 13.12 -7.81
O3 GG2 D . -10.19 16.35 -5.40
C25 GG2 D . -9.55 7.87 -8.90
O2 GG2 D . -7.73 10.90 -9.50
C23 GG2 D . -9.03 8.96 -9.84
O1 GG2 D . -4.86 19.09 -2.46
N3 GG2 D . -6.02 20.96 -1.81
C17 GG2 D . -5.99 16.88 -4.37
#